data_2A5F
#
_entry.id   2A5F
#
_cell.length_a   44.905
_cell.length_b   90.925
_cell.length_c   98.001
_cell.angle_alpha   90.00
_cell.angle_beta   90.00
_cell.angle_gamma   90.00
#
_symmetry.space_group_name_H-M   'P 21 21 21'
#
loop_
_entity.id
_entity.type
_entity.pdbx_description
1 polymer 'ADP-ribosylation factor 6'
2 polymer 'Cholera enterotoxin, A chain'
3 non-polymer 'MAGNESIUM ION'
4 non-polymer "GUANOSINE-5'-TRIPHOSPHATE"
5 non-polymer 'SODIUM ION'
6 non-polymer NICOTINAMIDE-ADENINE-DINUCLEOTIDE
7 non-polymer GLYCEROL
8 water water
#
loop_
_entity_poly.entity_id
_entity_poly.type
_entity_poly.pdbx_seq_one_letter_code
_entity_poly.pdbx_strand_id
1 'polypeptide(L)'
;MGKVLSKIFGNKEMRILMLGLDAAGKTTILYKLKLGQSVTTIPTVGFNVETVTYKNVKFNVWDVGGQDKIRPLWRHYYTG
TQGLIFVVDCADRDRIDEARQELHRIINDREMRDAIILIFANKQDLPDAMKPHEIQEKLGLTRIRDRNWYVQPSCATSGD
GLYEGLTWLTSNYKS
;
A
2 'polypeptide(L)'
;SNDDKLYRADSRPPDEIKQSGGLMPRGQSEYFDRGTQMNINLYDHARGTQTGFVRHDDGYVSTSISLRSAHLVGQTILSG
HSTYYIYVIATAPNMFNVNDVLGAYSPHPDDQDVSALGGIPYSQIYGWYRVHFGVLDEQLHRNRGYRDRYYSNLDIAPAA
DGYGLAGFPPEHRAWREEPWIHHAPPGSGNAPR
;
B
#
# COMPACT_ATOMS: atom_id res chain seq x y z
N LYS A 12 -25.18 1.17 -7.53
CA LYS A 12 -24.01 1.05 -8.46
C LYS A 12 -22.68 1.25 -7.73
N GLU A 13 -21.68 0.55 -8.20
CA GLU A 13 -20.39 0.55 -7.55
C GLU A 13 -19.30 0.86 -8.54
N MET A 14 -18.25 1.50 -8.05
CA MET A 14 -17.11 1.81 -8.91
C MET A 14 -15.81 1.58 -8.17
N ARG A 15 -15.03 0.65 -8.72
CA ARG A 15 -13.69 0.35 -8.21
C ARG A 15 -12.66 1.30 -8.82
N ILE A 16 -12.10 2.13 -7.96
CA ILE A 16 -11.21 3.21 -8.34
C ILE A 16 -9.78 2.91 -7.87
N LEU A 17 -8.82 3.03 -8.79
CA LEU A 17 -7.38 3.01 -8.43
C LEU A 17 -6.82 4.43 -8.49
N MET A 18 -6.28 4.91 -7.38
CA MET A 18 -5.68 6.22 -7.32
C MET A 18 -4.15 6.12 -7.26
N LEU A 19 -3.52 6.58 -8.34
CA LEU A 19 -2.08 6.51 -8.54
C LEU A 19 -1.48 7.91 -8.77
N GLY A 20 -0.15 7.97 -8.81
CA GLY A 20 0.56 9.23 -8.98
C GLY A 20 1.90 9.15 -8.25
N LEU A 21 2.77 10.14 -8.47
CA LEU A 21 4.05 10.14 -7.78
C LEU A 21 3.85 10.45 -6.29
N ASP A 22 4.89 10.15 -5.52
CA ASP A 22 4.90 10.51 -4.12
C ASP A 22 4.75 12.02 -3.97
N ALA A 23 4.00 12.40 -2.94
CA ALA A 23 3.83 13.78 -2.54
C ALA A 23 2.79 14.51 -3.40
N ALA A 24 2.06 13.77 -4.23
CA ALA A 24 1.07 14.38 -5.14
C ALA A 24 -0.19 14.88 -4.43
N GLY A 25 -0.60 14.14 -3.40
CA GLY A 25 -1.78 14.46 -2.61
C GLY A 25 -2.83 13.36 -2.51
N LYS A 26 -2.46 12.12 -2.88
CA LYS A 26 -3.41 11.00 -2.99
C LYS A 26 -4.08 10.65 -1.66
N THR A 27 -3.26 10.44 -0.64
CA THR A 27 -3.79 10.05 0.65
C THR A 27 -4.62 11.20 1.27
N THR A 28 -4.19 12.43 1.07
CA THR A 28 -4.99 13.59 1.50
C THR A 28 -6.37 13.61 0.84
N ILE A 29 -6.40 13.29 -0.45
CA ILE A 29 -7.66 13.22 -1.16
C ILE A 29 -8.55 12.14 -0.60
N LEU A 30 -7.98 10.95 -0.41
CA LEU A 30 -8.72 9.85 0.17
C LEU A 30 -9.35 10.24 1.54
N TYR A 31 -8.59 10.83 2.43
CA TYR A 31 -9.15 11.12 3.76
C TYR A 31 -10.01 12.38 3.80
N LYS A 32 -9.80 13.30 2.88
CA LYS A 32 -10.70 14.44 2.76
C LYS A 32 -12.05 13.93 2.31
N LEU A 33 -12.08 13.05 1.33
CA LEU A 33 -13.33 12.44 0.90
C LEU A 33 -13.99 11.57 1.98
N LYS A 34 -13.25 10.70 2.64
CA LYS A 34 -13.88 9.72 3.56
C LYS A 34 -14.23 10.34 4.93
N LEU A 35 -13.41 11.27 5.40
CA LEU A 35 -13.58 11.84 6.73
C LEU A 35 -14.10 13.28 6.70
N GLY A 36 -14.08 13.91 5.54
CA GLY A 36 -14.44 15.30 5.44
C GLY A 36 -13.37 16.21 6.03
N GLN A 37 -12.26 15.65 6.48
CA GLN A 37 -11.25 16.45 7.14
C GLN A 37 -9.91 16.32 6.47
N SER A 38 -9.03 17.28 6.77
CA SER A 38 -7.69 17.30 6.23
C SER A 38 -6.76 16.71 7.29
N VAL A 39 -6.10 15.61 6.94
CA VAL A 39 -5.29 14.86 7.90
C VAL A 39 -3.81 15.05 7.61
N THR A 40 -2.99 14.87 8.64
CA THR A 40 -1.55 14.82 8.47
C THR A 40 -1.24 13.38 8.02
N THR A 41 -0.36 13.22 7.03
CA THR A 41 -0.18 11.92 6.40
C THR A 41 1.19 11.38 6.65
N ILE A 42 1.33 10.09 6.40
CA ILE A 42 2.65 9.47 6.29
C ILE A 42 2.77 9.01 4.85
N PRO A 43 3.98 9.09 4.28
CA PRO A 43 4.18 8.55 2.94
C PRO A 43 3.70 7.12 2.89
N THR A 44 2.93 6.78 1.87
CA THR A 44 2.30 5.48 1.80
C THR A 44 3.22 4.47 1.13
N VAL A 45 3.56 3.39 1.82
CA VAL A 45 4.41 2.38 1.19
C VAL A 45 3.65 1.13 0.84
N GLY A 46 2.43 0.95 1.35
CA GLY A 46 1.60 -0.15 0.87
C GLY A 46 0.39 0.47 0.19
N PHE A 47 -0.75 0.41 0.86
CA PHE A 47 -1.96 1.01 0.31
C PHE A 47 -2.91 1.46 1.43
N ASN A 48 -3.83 2.35 1.09
CA ASN A 48 -5.00 2.58 1.89
C ASN A 48 -6.19 2.33 1.03
N VAL A 49 -7.29 1.94 1.64
CA VAL A 49 -8.50 1.71 0.88
C VAL A 49 -9.70 2.10 1.73
N GLU A 50 -10.63 2.80 1.10
CA GLU A 50 -11.84 3.22 1.78
C GLU A 50 -12.95 3.12 0.77
N THR A 51 -14.17 3.08 1.28
CA THR A 51 -15.34 3.17 0.40
C THR A 51 -16.13 4.42 0.74
N VAL A 52 -16.43 5.17 -0.32
CA VAL A 52 -17.08 6.46 -0.21
C VAL A 52 -18.34 6.46 -1.07
N THR A 53 -19.42 6.98 -0.49
CA THR A 53 -20.71 7.05 -1.14
C THR A 53 -21.00 8.49 -1.59
N TYR A 54 -21.32 8.66 -2.86
CA TYR A 54 -21.56 10.00 -3.41
C TYR A 54 -22.55 9.94 -4.57
N LYS A 55 -23.58 10.79 -4.51
CA LYS A 55 -24.62 10.85 -5.54
C LYS A 55 -25.01 9.43 -5.92
N ASN A 56 -25.35 8.64 -4.90
CA ASN A 56 -25.79 7.23 -5.05
C ASN A 56 -24.78 6.34 -5.77
N VAL A 57 -23.50 6.63 -5.60
CA VAL A 57 -22.49 5.69 -6.10
C VAL A 57 -21.51 5.39 -4.98
N LYS A 58 -21.33 4.09 -4.74
CA LYS A 58 -20.33 3.56 -3.82
C LYS A 58 -18.97 3.53 -4.52
N PHE A 59 -18.07 4.45 -4.17
CA PHE A 59 -16.72 4.50 -4.78
C PHE A 59 -15.72 3.74 -3.92
N ASN A 60 -15.22 2.61 -4.40
CA ASN A 60 -14.15 1.88 -3.68
C ASN A 60 -12.78 2.37 -4.14
N VAL A 61 -12.18 3.22 -3.34
CA VAL A 61 -11.01 3.94 -3.76
C VAL A 61 -9.74 3.35 -3.15
N TRP A 62 -8.86 2.89 -4.03
CA TRP A 62 -7.52 2.42 -3.62
C TRP A 62 -6.42 3.47 -3.79
N ASP A 63 -5.85 3.87 -2.66
CA ASP A 63 -4.73 4.79 -2.60
C ASP A 63 -3.43 4.01 -2.48
N VAL A 64 -2.72 3.82 -3.59
CA VAL A 64 -1.48 3.03 -3.57
C VAL A 64 -0.21 3.93 -3.57
N GLY A 65 0.77 3.55 -2.75
CA GLY A 65 2.02 4.29 -2.59
C GLY A 65 2.76 4.60 -3.89
N GLY A 66 3.22 5.84 -4.02
CA GLY A 66 3.83 6.31 -5.24
C GLY A 66 5.34 6.49 -5.26
N GLN A 67 6.04 6.22 -4.17
CA GLN A 67 7.49 6.24 -4.28
C GLN A 67 8.08 5.28 -5.28
N ASP A 68 9.22 5.69 -5.83
CA ASP A 68 9.80 5.04 -6.99
C ASP A 68 9.96 3.55 -6.80
N LYS A 69 10.46 3.14 -5.63
CA LYS A 69 10.74 1.70 -5.34
C LYS A 69 9.51 0.75 -5.37
N ILE A 70 8.33 1.31 -5.13
CA ILE A 70 7.12 0.50 -5.00
C ILE A 70 6.13 0.66 -6.19
N ARG A 71 6.52 1.46 -7.20
CA ARG A 71 5.74 1.55 -8.44
C ARG A 71 5.57 0.22 -9.18
N PRO A 72 6.56 -0.69 -9.16
CA PRO A 72 6.32 -2.01 -9.73
C PRO A 72 5.15 -2.79 -9.13
N LEU A 73 4.67 -2.40 -7.95
CA LEU A 73 3.53 -3.06 -7.32
C LEU A 73 2.17 -2.57 -7.86
N TRP A 74 2.13 -1.37 -8.45
CA TRP A 74 0.90 -0.78 -9.03
C TRP A 74 0.10 -1.77 -9.86
N ARG A 75 0.76 -2.50 -10.75
CA ARG A 75 0.03 -3.35 -11.67
C ARG A 75 -0.74 -4.48 -11.02
N HIS A 76 -0.37 -4.84 -9.79
CA HIS A 76 -0.99 -5.93 -9.10
C HIS A 76 -2.28 -5.49 -8.45
N TYR A 77 -2.60 -4.20 -8.63
CA TYR A 77 -3.91 -3.68 -8.25
C TYR A 77 -4.84 -3.39 -9.43
N TYR A 78 -4.39 -3.63 -10.66
CA TYR A 78 -5.13 -3.13 -11.81
C TYR A 78 -6.44 -3.88 -11.99
N THR A 79 -6.43 -5.17 -11.66
CA THR A 79 -7.57 -6.07 -11.82
C THR A 79 -8.85 -5.54 -11.22
N GLY A 80 -9.86 -5.42 -12.09
CA GLY A 80 -11.19 -4.97 -11.69
C GLY A 80 -11.35 -3.46 -11.68
N THR A 81 -10.30 -2.72 -12.05
CA THR A 81 -10.36 -1.26 -11.95
C THR A 81 -11.26 -0.69 -13.03
N GLN A 82 -12.17 0.21 -12.64
CA GLN A 82 -13.12 0.83 -13.57
C GLN A 82 -12.82 2.31 -13.84
N GLY A 83 -12.16 2.98 -12.89
CA GLY A 83 -11.64 4.31 -13.11
C GLY A 83 -10.25 4.44 -12.51
N LEU A 84 -9.36 5.10 -13.26
CA LEU A 84 -8.07 5.55 -12.78
C LEU A 84 -8.13 7.01 -12.36
N ILE A 85 -7.73 7.28 -11.13
CA ILE A 85 -7.48 8.63 -10.67
C ILE A 85 -5.99 8.85 -10.62
N PHE A 86 -5.48 9.73 -11.46
CA PHE A 86 -4.05 10.02 -11.47
C PHE A 86 -3.81 11.44 -10.93
N VAL A 87 -3.10 11.52 -9.81
CA VAL A 87 -2.92 12.78 -9.12
C VAL A 87 -1.51 13.28 -9.39
N VAL A 88 -1.45 14.56 -9.73
CA VAL A 88 -0.21 15.24 -10.08
C VAL A 88 -0.05 16.47 -9.19
N ASP A 89 1.18 16.69 -8.70
CA ASP A 89 1.53 17.89 -7.94
C ASP A 89 1.89 18.99 -8.96
N CYS A 90 0.98 19.95 -9.15
CA CYS A 90 1.12 20.99 -10.19
C CYS A 90 2.16 22.07 -9.89
N ALA A 91 2.67 22.08 -8.66
CA ALA A 91 3.75 22.96 -8.31
C ALA A 91 5.09 22.32 -8.68
N ASP A 92 5.08 21.01 -8.88
CA ASP A 92 6.30 20.24 -9.06
C ASP A 92 6.71 20.06 -10.54
N ARG A 93 7.22 21.14 -11.12
CA ARG A 93 7.61 21.14 -12.52
C ARG A 93 8.78 20.22 -12.77
N ASP A 94 9.64 20.06 -11.78
CA ASP A 94 10.80 19.19 -11.97
C ASP A 94 10.41 17.73 -12.19
N ARG A 95 9.19 17.33 -11.80
CA ARG A 95 8.80 15.92 -11.95
C ARG A 95 7.60 15.65 -12.88
N ILE A 96 7.09 16.68 -13.55
CA ILE A 96 5.91 16.51 -14.41
C ILE A 96 6.19 15.49 -15.53
N ASP A 97 7.43 15.39 -15.97
CA ASP A 97 7.77 14.57 -17.11
C ASP A 97 7.86 13.09 -16.69
N GLU A 98 8.34 12.89 -15.47
CA GLU A 98 8.36 11.58 -14.86
C GLU A 98 6.91 11.12 -14.60
N ALA A 99 6.08 12.03 -14.13
CA ALA A 99 4.66 11.78 -13.97
C ALA A 99 4.03 11.34 -15.29
N ARG A 100 4.40 11.99 -16.39
CA ARG A 100 3.89 11.58 -17.72
C ARG A 100 4.28 10.14 -18.04
N GLN A 101 5.56 9.83 -17.83
CA GLN A 101 6.06 8.50 -18.15
C GLN A 101 5.35 7.44 -17.32
N GLU A 102 5.12 7.71 -16.04
CA GLU A 102 4.41 6.72 -15.19
C GLU A 102 2.95 6.55 -15.62
N LEU A 103 2.28 7.66 -15.92
CA LEU A 103 0.90 7.55 -16.43
C LEU A 103 0.75 6.65 -17.65
N HIS A 104 1.56 6.91 -18.68
CA HIS A 104 1.48 6.14 -19.92
C HIS A 104 1.89 4.69 -19.72
N ARG A 105 2.80 4.41 -18.79
CA ARG A 105 3.07 3.01 -18.43
C ARG A 105 1.83 2.30 -17.87
N ILE A 106 1.09 2.98 -16.99
CA ILE A 106 -0.19 2.42 -16.49
C ILE A 106 -1.20 2.11 -17.60
N ILE A 107 -1.46 3.09 -18.48
CA ILE A 107 -2.66 2.99 -19.32
C ILE A 107 -2.38 2.05 -20.48
N ASN A 108 -1.11 1.79 -20.71
CA ASN A 108 -0.72 0.82 -21.70
C ASN A 108 -0.65 -0.65 -21.23
N ASP A 109 -0.92 -0.89 -19.96
CA ASP A 109 -1.17 -2.24 -19.49
C ASP A 109 -2.55 -2.72 -19.90
N ARG A 110 -2.59 -3.88 -20.53
CA ARG A 110 -3.82 -4.58 -20.89
C ARG A 110 -4.91 -4.60 -19.81
N GLU A 111 -4.58 -4.80 -18.54
CA GLU A 111 -5.60 -4.82 -17.48
C GLU A 111 -6.22 -3.44 -17.21
N MET A 112 -5.63 -2.38 -17.76
CA MET A 112 -6.15 -1.01 -17.56
C MET A 112 -6.81 -0.40 -18.82
N ARG A 113 -6.92 -1.19 -19.89
CA ARG A 113 -7.42 -0.67 -21.17
C ARG A 113 -8.80 0.03 -21.09
N ASP A 114 -9.72 -0.48 -20.27
CA ASP A 114 -11.05 0.08 -20.17
C ASP A 114 -11.32 0.96 -18.95
N ALA A 115 -10.27 1.44 -18.30
CA ALA A 115 -10.46 2.35 -17.18
C ALA A 115 -10.45 3.82 -17.68
N ILE A 116 -11.51 4.55 -17.39
CA ILE A 116 -11.51 5.97 -17.69
C ILE A 116 -10.52 6.66 -16.73
N ILE A 117 -10.03 7.84 -17.11
CA ILE A 117 -8.97 8.50 -16.35
C ILE A 117 -9.34 9.89 -15.91
N LEU A 118 -9.43 10.09 -14.60
CA LEU A 118 -9.50 11.40 -14.02
C LEU A 118 -8.11 11.84 -13.56
N ILE A 119 -7.65 12.99 -14.07
CA ILE A 119 -6.44 13.62 -13.60
C ILE A 119 -6.84 14.67 -12.56
N PHE A 120 -6.34 14.53 -11.33
CA PHE A 120 -6.38 15.67 -10.40
C PHE A 120 -5.13 16.49 -10.60
N ALA A 121 -5.35 17.68 -11.15
CA ALA A 121 -4.28 18.62 -11.29
C ALA A 121 -4.29 19.35 -9.93
N ASN A 122 -3.58 18.75 -8.96
CA ASN A 122 -3.68 19.12 -7.53
C ASN A 122 -2.74 20.24 -7.11
N LYS A 123 -3.06 20.87 -5.99
CA LYS A 123 -2.22 21.94 -5.38
C LYS A 123 -2.31 23.22 -6.20
N GLN A 124 -3.51 23.48 -6.73
CA GLN A 124 -3.74 24.70 -7.52
C GLN A 124 -3.56 25.95 -6.64
N ASP A 125 -3.73 25.79 -5.32
CA ASP A 125 -3.43 26.84 -4.35
C ASP A 125 -1.99 27.35 -4.35
N LEU A 126 -1.03 26.54 -4.76
CA LEU A 126 0.37 26.97 -4.73
C LEU A 126 0.68 27.96 -5.86
N PRO A 127 1.59 28.91 -5.59
CA PRO A 127 1.77 30.03 -6.51
C PRO A 127 2.30 29.64 -7.90
N ASP A 128 3.32 28.80 -7.97
CA ASP A 128 3.90 28.45 -9.26
C ASP A 128 3.03 27.50 -10.11
N ALA A 129 1.81 27.17 -9.63
CA ALA A 129 1.05 25.97 -10.07
C ALA A 129 0.65 25.93 -11.54
N MET A 130 1.07 24.86 -12.22
CA MET A 130 0.62 24.52 -13.55
C MET A 130 -0.91 24.35 -13.58
N LYS A 131 -1.55 25.00 -14.54
CA LYS A 131 -2.99 24.93 -14.66
C LYS A 131 -3.32 23.76 -15.60
N PRO A 132 -4.60 23.34 -15.65
CA PRO A 132 -5.05 22.16 -16.39
C PRO A 132 -4.66 22.06 -17.87
N HIS A 133 -4.74 23.17 -18.63
CA HIS A 133 -4.27 23.19 -20.02
C HIS A 133 -2.81 22.75 -20.09
N GLU A 134 -1.98 23.35 -19.25
CA GLU A 134 -0.58 23.00 -19.20
C GLU A 134 -0.36 21.53 -18.77
N ILE A 135 -1.11 21.10 -17.76
CA ILE A 135 -1.00 19.71 -17.28
C ILE A 135 -1.38 18.73 -18.38
N GLN A 136 -2.47 19.03 -19.07
CA GLN A 136 -2.93 18.17 -20.17
C GLN A 136 -1.84 18.00 -21.20
N GLU A 137 -1.14 19.09 -21.52
CA GLU A 137 -0.10 19.04 -22.53
C GLU A 137 1.19 18.39 -22.01
N LYS A 138 1.58 18.70 -20.78
CA LYS A 138 2.78 18.08 -20.21
C LYS A 138 2.61 16.58 -19.90
N LEU A 139 1.36 16.09 -19.86
CA LEU A 139 1.08 14.66 -19.64
C LEU A 139 0.83 13.93 -20.95
N GLY A 140 0.84 14.65 -22.08
CA GLY A 140 0.58 14.02 -23.38
C GLY A 140 -0.76 13.33 -23.49
N LEU A 141 -1.78 13.90 -22.90
CA LEU A 141 -3.08 13.22 -22.80
C LEU A 141 -3.81 13.07 -24.15
N THR A 142 -3.54 13.96 -25.10
CA THR A 142 -4.21 13.85 -26.41
C THR A 142 -3.64 12.66 -27.23
N ARG A 143 -2.56 12.03 -26.76
CA ARG A 143 -2.12 10.78 -27.38
C ARG A 143 -2.95 9.62 -26.85
N ILE A 144 -3.79 9.88 -25.86
CA ILE A 144 -4.68 8.86 -25.35
C ILE A 144 -6.01 9.03 -26.04
N ARG A 145 -6.29 8.14 -26.99
CA ARG A 145 -7.45 8.26 -27.87
C ARG A 145 -8.46 7.10 -27.79
N ASP A 146 -8.30 6.21 -26.80
CA ASP A 146 -9.11 4.98 -26.74
C ASP A 146 -10.04 4.92 -25.54
N ARG A 147 -10.09 6.02 -24.80
CA ARG A 147 -10.91 6.09 -23.61
C ARG A 147 -11.01 7.54 -23.17
N ASN A 148 -12.02 7.84 -22.39
CA ASN A 148 -12.23 9.17 -21.86
C ASN A 148 -11.25 9.53 -20.75
N TRP A 149 -10.84 10.79 -20.79
CA TRP A 149 -10.05 11.37 -19.76
C TRP A 149 -10.45 12.82 -19.55
N TYR A 150 -10.05 13.36 -18.42
CA TYR A 150 -10.46 14.69 -18.04
C TYR A 150 -9.47 15.20 -16.99
N VAL A 151 -9.11 16.49 -17.08
CA VAL A 151 -8.25 17.14 -16.11
C VAL A 151 -9.07 18.05 -15.19
N GLN A 152 -9.14 17.65 -13.93
CA GLN A 152 -9.85 18.36 -12.88
C GLN A 152 -8.89 19.11 -11.95
N PRO A 153 -8.92 20.46 -11.96
CA PRO A 153 -8.14 21.19 -10.95
C PRO A 153 -8.61 20.91 -9.52
N SER A 154 -7.68 20.85 -8.57
CA SER A 154 -8.03 20.54 -7.19
C SER A 154 -7.07 21.18 -6.18
N CYS A 155 -7.57 21.40 -4.97
CA CYS A 155 -6.71 21.54 -3.79
C CYS A 155 -7.26 20.54 -2.79
N ALA A 156 -6.57 19.44 -2.61
CA ALA A 156 -7.06 18.34 -1.75
C ALA A 156 -7.25 18.82 -0.32
N THR A 157 -6.36 19.69 0.14
CA THR A 157 -6.41 20.14 1.53
C THR A 157 -7.71 20.90 1.83
N SER A 158 -8.17 21.69 0.87
CA SER A 158 -9.42 22.42 1.02
C SER A 158 -10.64 21.67 0.46
N GLY A 159 -10.39 20.63 -0.34
CA GLY A 159 -11.47 19.79 -0.88
C GLY A 159 -12.07 20.28 -2.19
N ASP A 160 -11.58 21.42 -2.66
CA ASP A 160 -12.05 22.01 -3.91
C ASP A 160 -11.62 21.15 -5.09
N GLY A 161 -12.58 20.79 -5.94
CA GLY A 161 -12.32 20.03 -7.15
C GLY A 161 -12.65 18.56 -7.03
N LEU A 162 -12.70 18.05 -5.79
CA LEU A 162 -12.75 16.59 -5.57
C LEU A 162 -14.07 16.01 -5.98
N TYR A 163 -15.17 16.59 -5.49
CA TYR A 163 -16.51 16.08 -5.82
C TYR A 163 -16.87 16.31 -7.30
N GLU A 164 -16.30 17.35 -7.91
CA GLU A 164 -16.42 17.56 -9.37
C GLU A 164 -15.73 16.45 -10.15
N GLY A 165 -14.53 16.05 -9.69
CA GLY A 165 -13.89 14.86 -10.20
C GLY A 165 -14.75 13.62 -10.04
N LEU A 166 -15.26 13.41 -8.83
CA LEU A 166 -16.12 12.26 -8.61
C LEU A 166 -17.36 12.29 -9.51
N THR A 167 -17.93 13.47 -9.68
CA THR A 167 -19.07 13.65 -10.62
C THR A 167 -18.67 13.24 -12.05
N TRP A 168 -17.50 13.67 -12.49
CA TRP A 168 -17.07 13.30 -13.83
C TRP A 168 -17.00 11.79 -13.96
N LEU A 169 -16.46 11.11 -12.92
CA LEU A 169 -16.30 9.65 -12.98
C LEU A 169 -17.66 8.95 -13.15
N THR A 170 -18.66 9.35 -12.37
CA THR A 170 -20.02 8.78 -12.50
C THR A 170 -20.63 9.06 -13.88
N SER A 171 -20.72 10.35 -14.22
CA SER A 171 -21.25 10.75 -15.53
C SER A 171 -20.62 9.97 -16.67
N ASN A 172 -19.33 9.61 -16.54
CA ASN A 172 -18.56 9.18 -17.72
C ASN A 172 -18.22 7.72 -17.84
N TYR A 173 -18.87 6.87 -17.04
CA TYR A 173 -18.59 5.44 -17.06
C TYR A 173 -19.78 4.61 -17.55
N ASP B 4 -6.50 -17.30 -0.31
CA ASP B 4 -5.91 -18.07 0.83
C ASP B 4 -5.66 -17.04 1.91
N LYS B 5 -5.15 -17.50 3.05
CA LYS B 5 -5.05 -16.64 4.22
C LYS B 5 -3.64 -16.64 4.82
N LEU B 6 -3.33 -15.61 5.60
CA LEU B 6 -2.11 -15.54 6.38
C LEU B 6 -2.50 -15.41 7.84
N TYR B 7 -1.56 -15.67 8.73
CA TYR B 7 -1.82 -15.73 10.16
C TYR B 7 -0.75 -14.97 10.92
N ARG B 8 -1.15 -14.04 11.76
CA ARG B 8 -0.21 -13.28 12.56
C ARG B 8 -0.58 -13.42 14.03
N ALA B 9 0.38 -13.93 14.80
CA ALA B 9 0.30 -13.92 16.26
C ALA B 9 0.62 -12.53 16.77
N ASP B 10 -0.19 -12.03 17.66
CA ASP B 10 -0.04 -10.67 18.18
C ASP B 10 -0.70 -10.64 19.55
N SER B 11 -0.07 -9.93 20.48
CA SER B 11 -0.59 -9.82 21.86
C SER B 11 -1.66 -8.73 22.01
N ARG B 12 -1.81 -7.86 21.01
CA ARG B 12 -2.83 -6.81 21.09
C ARG B 12 -4.24 -7.33 20.75
N PRO B 13 -5.23 -7.01 21.60
CA PRO B 13 -6.58 -7.47 21.37
C PRO B 13 -7.24 -6.78 20.20
N PRO B 14 -8.28 -7.40 19.65
CA PRO B 14 -9.02 -6.94 18.49
C PRO B 14 -9.56 -5.52 18.59
N ASP B 15 -10.03 -5.13 19.76
CA ASP B 15 -10.52 -3.76 19.96
C ASP B 15 -9.39 -2.72 19.80
N GLU B 16 -8.19 -3.05 20.27
CA GLU B 16 -7.04 -2.18 20.09
C GLU B 16 -6.61 -2.17 18.63
N ILE B 17 -6.68 -3.31 17.97
CA ILE B 17 -6.33 -3.34 16.55
C ILE B 17 -7.33 -2.48 15.75
N LYS B 18 -8.62 -2.62 16.04
CA LYS B 18 -9.62 -1.86 15.32
C LYS B 18 -9.36 -0.36 15.45
N GLN B 19 -9.02 0.09 16.65
CA GLN B 19 -8.84 1.51 16.91
C GLN B 19 -7.50 2.01 16.36
N SER B 20 -6.60 1.09 16.01
CA SER B 20 -5.37 1.48 15.34
C SER B 20 -5.54 1.50 13.83
N GLY B 21 -6.70 1.12 13.35
CA GLY B 21 -6.95 1.03 11.94
C GLY B 21 -6.41 -0.25 11.31
N GLY B 22 -5.83 -1.11 12.15
CA GLY B 22 -5.32 -2.42 11.71
C GLY B 22 -3.96 -2.72 12.35
N LEU B 23 -3.21 -3.60 11.68
CA LEU B 23 -1.88 -4.05 12.14
C LEU B 23 -0.82 -3.19 11.43
N MET B 24 -0.38 -2.15 12.12
CA MET B 24 0.51 -1.14 11.52
C MET B 24 1.97 -1.41 11.88
N PRO B 25 2.89 -1.02 10.99
CA PRO B 25 4.29 -1.26 11.27
C PRO B 25 4.76 -0.37 12.41
N ARG B 26 5.80 -0.81 13.12
CA ARG B 26 6.43 -0.01 14.18
C ARG B 26 6.92 1.33 13.69
N GLY B 27 7.44 1.33 12.47
CA GLY B 27 7.99 2.56 11.91
C GLY B 27 6.95 3.66 11.77
N GLN B 28 5.67 3.30 11.72
CA GLN B 28 4.63 4.30 11.52
C GLN B 28 4.51 5.22 12.73
N SER B 29 4.53 4.62 13.91
CA SER B 29 4.52 5.35 15.18
C SER B 29 5.77 6.16 15.35
N GLU B 30 6.89 5.62 14.91
CA GLU B 30 8.14 6.35 14.99
C GLU B 30 8.11 7.62 14.12
N TYR B 31 7.46 7.53 12.97
CA TYR B 31 7.38 8.62 12.03
C TYR B 31 6.55 9.76 12.62
N PHE B 32 5.35 9.45 13.09
CA PHE B 32 4.50 10.47 13.70
C PHE B 32 5.06 10.97 15.02
N ASP B 33 5.88 10.17 15.68
CA ASP B 33 6.45 10.56 16.96
C ASP B 33 7.72 11.41 16.86
N ARG B 34 8.54 11.17 15.85
CA ARG B 34 9.79 11.92 15.70
C ARG B 34 10.28 12.12 14.25
N GLY B 35 9.37 12.04 13.29
CA GLY B 35 9.70 12.33 11.91
C GLY B 35 10.50 11.25 11.18
N THR B 36 11.05 10.28 11.90
CA THR B 36 11.87 9.22 11.29
C THR B 36 11.19 8.53 10.09
N GLN B 37 11.90 8.42 8.97
CA GLN B 37 11.34 7.74 7.81
C GLN B 37 11.36 6.21 8.03
N MET B 38 10.32 5.53 7.60
CA MET B 38 10.23 4.07 7.80
C MET B 38 11.31 3.37 6.97
N ASN B 39 11.86 2.31 7.52
CA ASN B 39 12.82 1.45 6.84
C ASN B 39 12.05 0.38 6.07
N ILE B 40 12.11 0.43 4.73
CA ILE B 40 11.47 -0.55 3.90
C ILE B 40 12.46 -1.48 3.18
N ASN B 41 13.65 -1.61 3.74
CA ASN B 41 14.59 -2.64 3.28
C ASN B 41 14.20 -3.99 3.88
N LEU B 42 13.78 -4.92 3.03
CA LEU B 42 13.30 -6.23 3.52
C LEU B 42 14.40 -7.00 4.28
N TYR B 43 15.64 -6.84 3.84
CA TYR B 43 16.75 -7.44 4.53
C TYR B 43 16.95 -6.96 5.95
N ASP B 44 16.78 -5.67 6.19
CA ASP B 44 16.88 -5.12 7.53
C ASP B 44 15.76 -5.62 8.44
N HIS B 45 14.55 -5.70 7.88
CA HIS B 45 13.42 -6.25 8.59
C HIS B 45 13.70 -7.70 9.03
N ALA B 46 14.26 -8.50 8.11
CA ALA B 46 14.56 -9.88 8.38
C ALA B 46 15.77 -10.05 9.32
N ARG B 47 16.78 -9.22 9.16
CA ARG B 47 17.98 -9.29 9.97
C ARG B 47 17.70 -8.71 11.36
N GLY B 48 16.90 -7.66 11.41
CA GLY B 48 16.62 -6.96 12.64
C GLY B 48 17.85 -6.19 13.05
N THR B 49 17.92 -5.91 14.34
CA THR B 49 18.97 -5.10 14.92
C THR B 49 20.24 -5.95 15.16
N GLN B 50 21.40 -5.29 15.27
CA GLN B 50 22.66 -5.97 15.62
C GLN B 50 22.45 -6.98 16.73
N THR B 51 21.83 -6.50 17.80
CA THR B 51 21.51 -7.33 18.97
C THR B 51 20.46 -8.44 18.65
N GLY B 52 19.81 -8.37 17.48
CA GLY B 52 18.84 -9.38 17.05
C GLY B 52 17.35 -9.06 17.16
N PHE B 53 17.00 -7.81 17.47
CA PHE B 53 15.61 -7.45 17.76
C PHE B 53 14.95 -6.67 16.62
N VAL B 54 13.64 -6.43 16.74
CA VAL B 54 12.88 -5.68 15.73
C VAL B 54 13.19 -4.17 15.76
N ARG B 55 13.48 -3.63 14.58
CA ARG B 55 13.87 -2.23 14.47
C ARG B 55 12.66 -1.33 14.72
N HIS B 56 12.88 -0.19 15.37
CA HIS B 56 11.80 0.73 15.71
C HIS B 56 11.26 1.41 14.46
N ASP B 57 12.04 1.39 13.40
CA ASP B 57 11.64 2.07 12.19
C ASP B 57 11.10 1.11 11.14
N ASP B 58 10.90 -0.15 11.53
CA ASP B 58 10.44 -1.18 10.60
C ASP B 58 9.13 -0.78 9.85
N GLY B 59 9.19 -0.80 8.53
CA GLY B 59 8.00 -0.54 7.72
C GLY B 59 7.17 -1.76 7.35
N TYR B 60 7.56 -2.95 7.82
CA TYR B 60 6.86 -4.20 7.55
C TYR B 60 6.21 -4.81 8.81
N VAL B 61 5.13 -5.56 8.58
CA VAL B 61 4.46 -6.39 9.58
C VAL B 61 4.53 -7.87 9.18
N SER B 62 5.08 -8.70 10.06
CA SER B 62 5.28 -10.11 9.77
C SER B 62 3.99 -10.95 9.94
N THR B 63 3.83 -11.94 9.08
CA THR B 63 2.74 -12.93 9.15
C THR B 63 3.32 -14.31 8.78
N SER B 64 2.61 -15.37 9.19
CA SER B 64 2.92 -16.73 8.81
C SER B 64 1.98 -17.26 7.74
N ILE B 65 2.41 -18.33 7.08
CA ILE B 65 1.58 -18.91 6.04
C ILE B 65 0.63 -20.03 6.55
N SER B 66 0.77 -20.46 7.80
CA SER B 66 -0.11 -21.48 8.36
C SER B 66 -0.47 -21.09 9.76
N LEU B 67 -1.62 -21.56 10.18
CA LEU B 67 -2.04 -21.41 11.55
C LEU B 67 -1.06 -22.10 12.53
N ARG B 68 -0.56 -23.28 12.20
CA ARG B 68 0.41 -23.99 13.03
C ARG B 68 1.70 -23.16 13.21
N SER B 69 2.19 -22.52 12.13
CA SER B 69 3.38 -21.68 12.28
C SER B 69 3.14 -20.48 13.09
N ALA B 70 1.98 -19.85 12.93
CA ALA B 70 1.67 -18.69 13.75
C ALA B 70 1.58 -19.04 15.21
N HIS B 71 1.05 -20.21 15.52
CA HIS B 71 0.96 -20.65 16.90
C HIS B 71 2.33 -20.94 17.50
N LEU B 72 3.22 -21.51 16.70
CA LEU B 72 4.56 -21.77 17.16
C LEU B 72 5.30 -20.47 17.48
N VAL B 73 5.16 -19.50 16.59
CA VAL B 73 5.63 -18.15 16.86
C VAL B 73 5.03 -17.56 18.13
N GLY B 74 3.72 -17.67 18.32
CA GLY B 74 3.12 -17.16 19.55
C GLY B 74 3.70 -17.86 20.79
N GLN B 75 3.99 -19.15 20.68
CA GLN B 75 4.52 -19.89 21.84
C GLN B 75 6.02 -19.64 22.01
N THR B 76 6.62 -18.82 21.15
CA THR B 76 8.03 -18.42 21.29
C THR B 76 8.09 -16.98 21.69
N ILE B 77 7.61 -16.14 20.78
CA ILE B 77 7.71 -14.71 20.95
C ILE B 77 6.76 -14.26 22.04
N LEU B 78 5.57 -14.86 22.10
CA LEU B 78 4.54 -14.37 23.01
C LEU B 78 4.34 -15.28 24.21
N SER B 79 5.38 -16.01 24.58
CA SER B 79 5.27 -17.04 25.62
C SER B 79 4.88 -16.44 26.95
N GLY B 80 5.25 -15.18 27.19
CA GLY B 80 4.95 -14.53 28.44
C GLY B 80 3.57 -13.92 28.58
N HIS B 81 2.76 -14.00 27.53
CA HIS B 81 1.37 -13.53 27.55
C HIS B 81 0.39 -14.68 27.77
N SER B 82 -0.37 -14.59 28.85
CA SER B 82 -1.36 -15.62 29.11
C SER B 82 -2.52 -15.57 28.12
N THR B 83 -2.77 -14.43 27.49
CA THR B 83 -3.67 -14.35 26.33
C THR B 83 -3.00 -13.65 25.13
N TYR B 84 -3.17 -14.20 23.93
CA TYR B 84 -2.79 -13.51 22.71
C TYR B 84 -3.71 -13.90 21.59
N TYR B 85 -3.57 -13.30 20.42
CA TYR B 85 -4.46 -13.52 19.28
C TYR B 85 -3.70 -14.01 18.07
N ILE B 86 -4.34 -14.84 17.27
CA ILE B 86 -3.88 -15.11 15.93
C ILE B 86 -4.90 -14.54 14.95
N TYR B 87 -4.45 -13.52 14.22
CA TYR B 87 -5.23 -12.80 13.22
C TYR B 87 -5.17 -13.52 11.90
N VAL B 88 -6.32 -13.72 11.31
CA VAL B 88 -6.46 -14.42 10.07
C VAL B 88 -6.67 -13.27 9.04
N ILE B 89 -5.87 -13.27 7.97
CA ILE B 89 -5.63 -12.10 7.11
C ILE B 89 -5.70 -12.53 5.63
N ALA B 90 -6.45 -11.80 4.83
CA ALA B 90 -6.48 -12.02 3.37
C ALA B 90 -5.18 -11.54 2.71
N THR B 91 -4.98 -12.00 1.48
CA THR B 91 -3.79 -11.67 0.69
C THR B 91 -4.03 -10.41 -0.15
N ALA B 92 -3.00 -9.57 -0.23
CA ALA B 92 -3.01 -8.36 -1.00
C ALA B 92 -1.56 -8.09 -1.45
N PRO B 93 -1.37 -7.23 -2.48
CA PRO B 93 -0.04 -7.09 -3.12
C PRO B 93 0.97 -6.27 -2.38
N ASN B 94 0.70 -5.87 -1.15
CA ASN B 94 1.74 -5.31 -0.38
C ASN B 94 2.39 -6.39 0.48
N MET B 95 2.08 -7.66 0.19
CA MET B 95 2.69 -8.74 0.93
C MET B 95 3.78 -9.47 0.15
N PHE B 96 4.85 -9.79 0.86
CA PHE B 96 6.03 -10.38 0.28
C PHE B 96 6.49 -11.58 1.07
N ASN B 97 6.74 -12.66 0.36
CA ASN B 97 7.39 -13.81 0.90
C ASN B 97 8.90 -13.53 1.06
N VAL B 98 9.32 -13.39 2.32
CA VAL B 98 10.68 -12.90 2.61
C VAL B 98 11.74 -13.82 1.98
N ASN B 99 11.55 -15.15 2.08
CA ASN B 99 12.53 -16.09 1.64
C ASN B 99 12.60 -16.11 0.12
N ASP B 100 11.47 -15.87 -0.55
CA ASP B 100 11.48 -15.76 -2.01
C ASP B 100 12.18 -14.48 -2.46
N VAL B 101 11.99 -13.36 -1.76
CA VAL B 101 12.58 -12.08 -2.18
C VAL B 101 14.09 -12.00 -1.85
N LEU B 102 14.48 -12.51 -0.68
CA LEU B 102 15.90 -12.50 -0.26
C LEU B 102 16.65 -13.71 -0.77
N GLY B 103 15.90 -14.68 -1.27
CA GLY B 103 16.45 -15.93 -1.75
C GLY B 103 17.33 -16.61 -0.71
N ALA B 104 18.45 -17.15 -1.19
CA ALA B 104 19.35 -17.86 -0.32
C ALA B 104 20.08 -16.97 0.67
N TYR B 105 19.95 -15.67 0.51
CA TYR B 105 20.48 -14.68 1.44
C TYR B 105 19.57 -14.33 2.60
N SER B 106 18.38 -14.92 2.62
CA SER B 106 17.48 -14.73 3.75
C SER B 106 18.26 -15.08 5.05
N PRO B 107 18.37 -14.15 6.00
CA PRO B 107 19.21 -14.43 7.17
C PRO B 107 18.64 -15.44 8.17
N HIS B 108 17.31 -15.57 8.23
CA HIS B 108 16.67 -16.50 9.16
C HIS B 108 15.53 -17.16 8.47
N PRO B 109 15.82 -18.06 7.52
CA PRO B 109 14.76 -18.62 6.69
C PRO B 109 13.73 -19.46 7.43
N ASP B 110 14.08 -19.91 8.62
CA ASP B 110 13.15 -20.65 9.47
C ASP B 110 11.94 -19.77 9.90
N ASP B 111 12.10 -18.44 9.93
CA ASP B 111 10.97 -17.56 10.22
C ASP B 111 9.81 -17.83 9.27
N GLN B 112 10.09 -18.29 8.05
CA GLN B 112 9.07 -18.46 6.97
C GLN B 112 8.00 -17.32 6.92
N ASP B 113 8.49 -16.09 6.75
CA ASP B 113 7.72 -14.90 7.01
C ASP B 113 7.10 -14.42 5.67
N VAL B 114 5.81 -14.13 5.67
CA VAL B 114 5.22 -13.28 4.62
C VAL B 114 4.90 -11.93 5.24
N SER B 115 5.57 -10.89 4.77
CA SER B 115 5.52 -9.56 5.42
C SER B 115 4.75 -8.52 4.58
N ALA B 116 3.96 -7.72 5.29
CA ALA B 116 3.12 -6.70 4.69
C ALA B 116 3.79 -5.33 4.77
N LEU B 117 4.13 -4.79 3.59
CA LEU B 117 4.74 -3.46 3.55
C LEU B 117 3.71 -2.40 3.91
N GLY B 118 3.97 -1.62 4.96
CA GLY B 118 3.05 -0.56 5.39
C GLY B 118 1.92 -1.03 6.29
N GLY B 119 1.88 -2.32 6.59
CA GLY B 119 0.84 -2.86 7.46
C GLY B 119 -0.39 -3.36 6.75
N ILE B 120 -1.34 -3.74 7.59
CA ILE B 120 -2.51 -4.54 7.21
C ILE B 120 -3.74 -3.81 7.75
N PRO B 121 -4.53 -3.23 6.84
CA PRO B 121 -5.74 -2.56 7.30
C PRO B 121 -6.77 -3.53 7.90
N TYR B 122 -7.53 -3.00 8.84
CA TYR B 122 -8.59 -3.75 9.53
C TYR B 122 -9.52 -4.48 8.57
N SER B 123 -9.85 -3.87 7.42
CA SER B 123 -10.75 -4.49 6.44
C SER B 123 -10.18 -5.75 5.83
N GLN B 124 -8.87 -5.93 5.98
CA GLN B 124 -8.17 -7.07 5.42
C GLN B 124 -8.14 -8.23 6.43
N ILE B 125 -8.53 -7.95 7.66
CA ILE B 125 -8.50 -8.99 8.74
C ILE B 125 -9.84 -9.72 8.74
N TYR B 126 -9.81 -10.97 8.29
CA TYR B 126 -10.95 -11.88 8.29
C TYR B 126 -11.54 -12.20 9.67
N GLY B 127 -10.67 -12.44 10.66
CA GLY B 127 -11.09 -12.72 12.00
C GLY B 127 -9.89 -13.07 12.82
N TRP B 128 -10.13 -13.73 13.93
CA TRP B 128 -9.08 -14.07 14.85
C TRP B 128 -9.45 -15.26 15.74
N TYR B 129 -8.40 -15.95 16.16
CA TYR B 129 -8.43 -16.98 17.20
C TYR B 129 -7.82 -16.42 18.48
N ARG B 130 -8.50 -16.59 19.62
CA ARG B 130 -7.91 -16.27 20.91
C ARG B 130 -7.12 -17.48 21.41
N VAL B 131 -5.96 -17.24 21.99
CA VAL B 131 -5.09 -18.29 22.48
C VAL B 131 -4.93 -18.03 23.96
N HIS B 132 -5.32 -18.98 24.81
CA HIS B 132 -5.23 -18.74 26.26
C HIS B 132 -4.37 -19.80 26.91
N PHE B 133 -3.38 -19.36 27.69
CA PHE B 133 -2.29 -20.23 28.14
C PHE B 133 -1.78 -21.18 27.08
N GLY B 134 -1.61 -20.69 25.85
CA GLY B 134 -0.96 -21.45 24.81
C GLY B 134 -1.87 -22.36 24.01
N VAL B 135 -3.16 -22.35 24.33
CA VAL B 135 -4.12 -23.29 23.73
C VAL B 135 -5.15 -22.57 22.85
N LEU B 136 -5.32 -23.03 21.62
CA LEU B 136 -6.43 -22.58 20.79
C LEU B 136 -7.70 -23.40 21.13
N ASP B 137 -8.40 -22.93 22.13
CA ASP B 137 -9.60 -23.64 22.56
C ASP B 137 -10.88 -23.12 21.87
N GLU B 138 -10.81 -21.94 21.24
CA GLU B 138 -12.02 -21.27 20.76
C GLU B 138 -12.11 -21.25 19.25
N GLN B 139 -13.36 -21.21 18.75
CA GLN B 139 -13.54 -21.16 17.31
C GLN B 139 -13.15 -19.73 16.87
N LEU B 140 -12.86 -19.61 15.60
CA LEU B 140 -12.58 -18.30 14.99
C LEU B 140 -13.71 -17.32 15.23
N HIS B 141 -13.35 -16.11 15.63
CA HIS B 141 -14.31 -15.03 15.71
C HIS B 141 -14.18 -14.18 14.44
N ARG B 142 -15.29 -14.01 13.71
CA ARG B 142 -15.26 -13.30 12.43
C ARG B 142 -15.28 -11.81 12.60
N ASN B 143 -14.50 -11.14 11.77
CA ASN B 143 -14.41 -9.70 11.80
C ASN B 143 -15.55 -9.15 10.93
N ARG B 144 -16.42 -8.38 11.55
CA ARG B 144 -17.57 -7.88 10.82
C ARG B 144 -17.11 -6.76 9.87
N GLY B 145 -15.94 -6.18 10.18
CA GLY B 145 -15.33 -5.14 9.34
C GLY B 145 -14.56 -5.68 8.16
N TYR B 146 -14.50 -7.00 7.99
CA TYR B 146 -13.75 -7.58 6.90
C TYR B 146 -14.49 -7.26 5.62
N ARG B 147 -13.74 -7.07 4.52
CA ARG B 147 -14.34 -6.84 3.20
C ARG B 147 -13.79 -7.76 2.12
N ASP B 148 -14.46 -8.87 1.86
CA ASP B 148 -13.92 -9.89 0.96
C ASP B 148 -13.72 -9.43 -0.46
N ARG B 149 -14.62 -8.60 -0.95
CA ARG B 149 -14.56 -8.16 -2.34
C ARG B 149 -13.34 -7.29 -2.59
N TYR B 150 -12.86 -6.60 -1.54
CA TYR B 150 -11.62 -5.80 -1.65
C TYR B 150 -10.48 -6.73 -2.05
N TYR B 151 -10.42 -7.91 -1.40
CA TYR B 151 -9.22 -8.74 -1.42
C TYR B 151 -9.30 -10.01 -2.20
N SER B 152 -10.51 -10.48 -2.52
CA SER B 152 -10.69 -11.84 -3.12
C SER B 152 -10.03 -12.02 -4.48
N ASN B 153 -9.87 -10.91 -5.19
CA ASN B 153 -9.28 -10.85 -6.55
C ASN B 153 -7.77 -10.51 -6.58
N LEU B 154 -7.21 -10.23 -5.41
CA LEU B 154 -5.79 -9.80 -5.27
C LEU B 154 -4.94 -10.89 -4.67
N ASP B 155 -3.65 -10.88 -4.96
CA ASP B 155 -2.71 -11.89 -4.44
C ASP B 155 -1.58 -11.21 -3.70
N ILE B 156 -0.72 -11.98 -3.03
CA ILE B 156 0.50 -11.38 -2.50
C ILE B 156 1.37 -10.94 -3.70
N ALA B 157 2.29 -10.00 -3.51
CA ALA B 157 3.18 -9.64 -4.61
C ALA B 157 4.05 -10.80 -5.03
N PRO B 158 4.28 -10.93 -6.33
CA PRO B 158 5.25 -11.93 -6.74
C PRO B 158 6.65 -11.46 -6.41
N ALA B 159 7.53 -12.41 -6.15
CA ALA B 159 8.91 -12.13 -5.76
C ALA B 159 9.62 -11.21 -6.74
N ALA B 160 9.34 -11.37 -8.03
CA ALA B 160 9.98 -10.54 -9.05
C ALA B 160 9.76 -9.05 -8.82
N ASP B 161 8.58 -8.68 -8.32
CA ASP B 161 8.34 -7.29 -8.02
C ASP B 161 8.76 -6.86 -6.61
N GLY B 162 9.25 -7.83 -5.84
CA GLY B 162 9.83 -7.58 -4.51
C GLY B 162 11.34 -7.36 -4.50
N TYR B 163 12.01 -7.79 -5.58
CA TYR B 163 13.47 -7.82 -5.58
C TYR B 163 14.05 -6.46 -5.31
N GLY B 164 13.43 -5.43 -5.89
CA GLY B 164 13.86 -4.03 -5.72
C GLY B 164 13.76 -3.49 -4.31
N LEU B 165 13.06 -4.23 -3.43
CA LEU B 165 12.89 -3.81 -2.03
C LEU B 165 13.80 -4.61 -1.07
N ALA B 166 14.62 -5.50 -1.61
CA ALA B 166 15.42 -6.42 -0.79
C ALA B 166 16.30 -5.62 0.17
N GLY B 167 16.83 -4.49 -0.31
CA GLY B 167 17.56 -3.57 0.49
C GLY B 167 18.75 -4.17 1.22
N PHE B 168 19.51 -5.04 0.59
CA PHE B 168 20.78 -5.50 1.16
C PHE B 168 21.72 -4.30 1.32
N PRO B 169 22.66 -4.38 2.26
CA PRO B 169 23.51 -3.23 2.44
C PRO B 169 24.33 -3.00 1.16
N PRO B 170 24.81 -1.78 0.96
CA PRO B 170 25.39 -1.47 -0.36
C PRO B 170 26.57 -2.34 -0.78
N GLU B 171 27.36 -2.85 0.14
CA GLU B 171 28.54 -3.63 -0.25
C GLU B 171 28.24 -5.12 -0.32
N HIS B 172 27.00 -5.50 -0.09
CA HIS B 172 26.61 -6.92 -0.06
C HIS B 172 26.70 -7.51 -1.46
N ARG B 173 27.25 -8.72 -1.56
CA ARG B 173 27.46 -9.42 -2.83
C ARG B 173 26.21 -9.76 -3.64
N ALA B 174 25.03 -9.80 -3.02
CA ALA B 174 23.80 -10.11 -3.76
C ALA B 174 23.57 -9.13 -4.91
N TRP B 175 23.96 -7.88 -4.71
CA TRP B 175 23.75 -6.83 -5.67
C TRP B 175 24.51 -7.04 -7.00
N ARG B 176 25.40 -8.03 -7.05
CA ARG B 176 26.18 -8.37 -8.24
C ARG B 176 25.67 -9.64 -8.88
N GLU B 177 24.51 -10.12 -8.44
CA GLU B 177 24.00 -11.36 -8.91
C GLU B 177 22.57 -11.20 -9.31
N GLU B 178 22.11 -12.11 -10.13
CA GLU B 178 20.71 -12.23 -10.43
C GLU B 178 19.99 -12.64 -9.14
N PRO B 179 18.77 -12.11 -8.93
CA PRO B 179 18.07 -11.08 -9.69
C PRO B 179 18.35 -9.67 -9.26
N TRP B 180 19.04 -9.49 -8.12
CA TRP B 180 19.16 -8.15 -7.53
C TRP B 180 20.02 -7.16 -8.29
N ILE B 181 20.93 -7.66 -9.12
CA ILE B 181 21.77 -6.82 -9.94
C ILE B 181 20.99 -5.80 -10.76
N HIS B 182 19.83 -6.19 -11.30
CA HIS B 182 18.94 -5.27 -12.00
C HIS B 182 18.36 -4.14 -11.11
N HIS B 183 18.52 -4.21 -9.79
CA HIS B 183 18.10 -3.10 -8.93
C HIS B 183 19.26 -2.51 -8.11
N ALA B 184 20.48 -2.84 -8.48
CA ALA B 184 21.62 -2.50 -7.63
C ALA B 184 21.80 -0.99 -7.43
N PRO B 185 22.02 -0.53 -6.20
CA PRO B 185 22.41 0.87 -6.14
C PRO B 185 23.83 1.11 -6.73
N PRO B 186 24.15 2.36 -7.09
CA PRO B 186 25.43 2.65 -7.77
C PRO B 186 26.64 2.27 -6.93
N GLY B 187 27.52 1.48 -7.54
CA GLY B 187 28.77 1.02 -6.93
C GLY B 187 28.69 -0.36 -6.30
N SER B 188 27.49 -0.91 -6.18
CA SER B 188 27.35 -2.27 -5.63
C SER B 188 27.34 -3.33 -6.73
#